data_3SZ7
#
_entry.id   3SZ7
#
_cell.length_a   59.610
_cell.length_b   86.770
_cell.length_c   116.540
_cell.angle_alpha   90.000
_cell.angle_beta   90.000
_cell.angle_gamma   90.000
#
_symmetry.space_group_name_H-M   'F 2 2 2'
#
loop_
_entity.id
_entity.type
_entity.pdbx_description
1 polymer 'Hsc70 cochaperone (SGT)'
2 water water
#
_entity_poly.entity_id   1
_entity_poly.type   'polypeptide(L)'
_entity_poly.pdbx_seq_one_letter_code
;GPRSMAPTPESDKLKSEGNAAMARKEYSKAIDLYTQALSIAPANPIYLSNRAAAYSASGQHEKAAEDAELATVVDPKYSK
AWSRLGLARFDMADYKGAKEAYEKGIEAEGNGGSDAMKRGLETTKRKIEEANRGAEPPADDVDDAAGASRGAGGMPDLSS
LASM
;
_entity_poly.pdbx_strand_id   A
#
# COMPACT_ATOMS: atom_id res chain seq x y z
N GLY A 1 11.53 18.48 31.45
CA GLY A 1 12.59 18.09 30.54
C GLY A 1 12.04 17.66 29.19
N PRO A 2 12.94 17.36 28.24
CA PRO A 2 12.55 16.96 26.88
C PRO A 2 12.07 15.51 26.83
N ARG A 3 11.20 15.21 25.86
CA ARG A 3 10.82 13.83 25.59
C ARG A 3 12.01 13.10 24.98
N SER A 4 11.99 11.78 25.03
CA SER A 4 13.05 10.99 24.41
C SER A 4 12.91 10.94 22.90
N MET A 5 11.69 11.24 22.43
CA MET A 5 11.36 11.20 20.99
C MET A 5 11.36 9.77 20.47
N ALA A 6 11.34 8.82 21.40
CA ALA A 6 11.30 7.40 21.07
C ALA A 6 10.12 6.74 21.74
N PRO A 7 9.76 5.53 21.31
CA PRO A 7 8.63 4.78 21.86
C PRO A 7 8.70 4.61 23.37
N THR A 8 7.54 4.65 24.02
CA THR A 8 7.44 4.44 25.46
C THR A 8 6.33 3.43 25.72
N PRO A 9 6.22 2.95 26.97
CA PRO A 9 5.09 2.06 27.27
C PRO A 9 3.76 2.74 26.93
N GLU A 10 3.70 4.06 27.10
CA GLU A 10 2.49 4.81 26.80
C GLU A 10 2.17 4.81 25.29
N SER A 11 3.17 5.09 24.47
CA SER A 11 2.94 5.13 23.03
C SER A 11 2.55 3.75 22.50
N ASP A 12 3.16 2.70 23.06
CA ASP A 12 2.81 1.34 22.67
C ASP A 12 1.41 0.95 23.12
N LYS A 13 0.97 1.45 24.28
CA LYS A 13 -0.40 1.19 24.71
C LYS A 13 -1.35 1.79 23.69
N LEU A 14 -1.07 3.03 23.31
CA LEU A 14 -1.88 3.73 22.31
C LEU A 14 -1.91 2.96 20.99
N LYS A 15 -0.77 2.39 20.61
CA LYS A 15 -0.69 1.60 19.38
C LYS A 15 -1.60 0.37 19.49
N SER A 16 -1.54 -0.32 20.62
CA SER A 16 -2.38 -1.48 20.86
C SER A 16 -3.86 -1.12 20.85
N GLU A 17 -4.19 0.04 21.41
CA GLU A 17 -5.57 0.51 21.41
C GLU A 17 -5.98 0.87 19.98
N GLY A 18 -5.02 1.37 19.20
CA GLY A 18 -5.25 1.62 17.78
C GLY A 18 -5.49 0.33 17.02
N ASN A 19 -4.72 -0.70 17.35
CA ASN A 19 -4.87 -2.01 16.71
C ASN A 19 -6.25 -2.62 17.00
N ALA A 20 -6.72 -2.43 18.23
CA ALA A 20 -8.03 -2.92 18.63
C ALA A 20 -9.13 -2.19 17.89
N ALA A 21 -8.94 -0.88 17.68
CA ALA A 21 -9.90 -0.08 16.93
C ALA A 21 -10.01 -0.60 15.49
N MET A 22 -8.87 -0.87 14.87
CA MET A 22 -8.84 -1.47 13.54
C MET A 22 -9.66 -2.75 13.49
N ALA A 23 -9.51 -3.60 14.49
CA ALA A 23 -10.23 -4.86 14.55
C ALA A 23 -11.74 -4.64 14.55
N ARG A 24 -12.17 -3.54 15.17
CA ARG A 24 -13.59 -3.20 15.27
C ARG A 24 -14.05 -2.39 14.07
N LYS A 25 -13.12 -2.08 13.17
CA LYS A 25 -13.40 -1.29 11.98
C LYS A 25 -13.70 0.17 12.30
N GLU A 26 -13.24 0.62 13.46
CA GLU A 26 -13.39 2.03 13.84
C GLU A 26 -12.18 2.80 13.37
N TYR A 27 -12.11 3.00 12.06
CA TYR A 27 -10.89 3.51 11.43
C TYR A 27 -10.53 4.92 11.85
N SER A 28 -11.53 5.77 12.00
CA SER A 28 -11.28 7.15 12.42
C SER A 28 -10.64 7.18 13.80
N LYS A 29 -11.12 6.33 14.70
CA LYS A 29 -10.54 6.25 16.04
C LYS A 29 -9.12 5.71 15.97
N ALA A 30 -8.91 4.70 15.12
CA ALA A 30 -7.58 4.12 14.97
C ALA A 30 -6.60 5.19 14.52
N ILE A 31 -7.00 5.95 13.51
CA ILE A 31 -6.18 7.06 13.02
C ILE A 31 -5.82 8.01 14.16
N ASP A 32 -6.79 8.34 15.01
CA ASP A 32 -6.51 9.26 16.10
C ASP A 32 -5.57 8.67 17.15
N LEU A 33 -5.76 7.39 17.47
CA LEU A 33 -4.92 6.71 18.45
C LEU A 33 -3.47 6.53 17.98
N TYR A 34 -3.30 6.19 16.71
CA TYR A 34 -1.97 6.05 16.14
C TYR A 34 -1.28 7.41 16.10
N THR A 35 -2.07 8.45 15.82
CA THR A 35 -1.58 9.81 15.80
C THR A 35 -1.09 10.23 17.19
N GLN A 36 -1.81 9.82 18.23
CA GLN A 36 -1.38 10.07 19.60
C GLN A 36 -0.07 9.36 19.90
N ALA A 37 0.07 8.12 19.42
CA ALA A 37 1.31 7.38 19.60
C ALA A 37 2.46 8.10 18.90
N LEU A 38 2.17 8.63 17.72
CA LEU A 38 3.16 9.36 16.93
C LEU A 38 3.54 10.72 17.54
N SER A 39 2.68 11.26 18.38
CA SER A 39 2.99 12.53 19.04
C SER A 39 4.04 12.30 20.12
N ILE A 40 4.12 11.07 20.61
CA ILE A 40 5.13 10.69 21.59
C ILE A 40 6.43 10.26 20.90
N ALA A 41 6.28 9.46 19.85
CA ALA A 41 7.42 8.97 19.08
C ALA A 41 7.23 9.32 17.61
N PRO A 42 7.57 10.57 17.24
CA PRO A 42 7.35 11.04 15.88
C PRO A 42 8.05 10.17 14.82
N ALA A 43 7.41 10.02 13.67
CA ALA A 43 7.99 9.28 12.54
C ALA A 43 8.40 7.83 12.88
N ASN A 44 7.79 7.23 13.89
CA ASN A 44 8.03 5.82 14.15
C ASN A 44 7.44 4.97 13.01
N PRO A 45 8.28 4.13 12.39
CA PRO A 45 7.82 3.38 11.20
C PRO A 45 6.71 2.37 11.50
N ILE A 46 6.70 1.79 12.70
CA ILE A 46 5.63 0.87 13.06
C ILE A 46 4.31 1.63 13.20
N TYR A 47 4.33 2.73 13.95
CA TYR A 47 3.13 3.53 14.14
C TYR A 47 2.68 4.15 12.82
N LEU A 48 3.63 4.58 12.01
CA LEU A 48 3.31 5.13 10.69
C LEU A 48 2.64 4.10 9.79
N SER A 49 3.17 2.89 9.77
CA SER A 49 2.64 1.88 8.87
C SER A 49 1.27 1.40 9.34
N ASN A 50 1.06 1.41 10.65
CA ASN A 50 -0.27 1.14 11.19
C ASN A 50 -1.28 2.22 10.83
N ARG A 51 -0.90 3.49 10.96
CA ARG A 51 -1.80 4.57 10.58
C ARG A 51 -2.10 4.52 9.08
N ALA A 52 -1.11 4.12 8.29
CA ALA A 52 -1.30 3.94 6.85
C ALA A 52 -2.38 2.91 6.58
N ALA A 53 -2.40 1.83 7.36
CA ALA A 53 -3.40 0.78 7.17
C ALA A 53 -4.79 1.33 7.43
N ALA A 54 -4.89 2.18 8.45
CA ALA A 54 -6.16 2.78 8.83
C ALA A 54 -6.64 3.76 7.77
N TYR A 55 -5.71 4.54 7.21
CA TYR A 55 -6.05 5.43 6.13
C TYR A 55 -6.54 4.64 4.91
N SER A 56 -5.82 3.59 4.56
CA SER A 56 -6.20 2.74 3.42
C SER A 56 -7.58 2.12 3.60
N ALA A 57 -7.86 1.62 4.80
CA ALA A 57 -9.14 0.98 5.09
C ALA A 57 -10.28 1.98 4.94
N SER A 58 -10.00 3.24 5.23
CA SER A 58 -11.01 4.29 5.15
C SER A 58 -11.04 4.98 3.80
N GLY A 59 -10.27 4.46 2.85
CA GLY A 59 -10.27 4.96 1.49
C GLY A 59 -9.43 6.20 1.25
N GLN A 60 -8.59 6.55 2.23
CA GLN A 60 -7.78 7.76 2.11
C GLN A 60 -6.39 7.39 1.63
N HIS A 61 -6.29 7.07 0.34
CA HIS A 61 -5.09 6.49 -0.22
C HIS A 61 -3.89 7.44 -0.24
N GLU A 62 -4.13 8.73 -0.46
CA GLU A 62 -3.02 9.68 -0.47
C GLU A 62 -2.38 9.79 0.91
N LYS A 63 -3.23 9.85 1.93
CA LYS A 63 -2.73 9.93 3.31
C LYS A 63 -2.01 8.63 3.67
N ALA A 64 -2.57 7.50 3.25
CA ALA A 64 -1.92 6.20 3.46
C ALA A 64 -0.53 6.19 2.82
N ALA A 65 -0.44 6.68 1.58
CA ALA A 65 0.83 6.70 0.87
C ALA A 65 1.85 7.59 1.57
N GLU A 66 1.43 8.73 2.06
CA GLU A 66 2.36 9.63 2.74
C GLU A 66 2.91 9.00 4.04
N ASP A 67 2.05 8.36 4.81
CA ASP A 67 2.50 7.66 6.02
C ASP A 67 3.48 6.55 5.66
N ALA A 68 3.08 5.70 4.70
CA ALA A 68 3.93 4.59 4.31
C ALA A 68 5.26 5.07 3.74
N GLU A 69 5.22 6.11 2.91
CA GLU A 69 6.46 6.64 2.35
C GLU A 69 7.39 7.11 3.45
N LEU A 70 6.87 7.89 4.39
CA LEU A 70 7.69 8.40 5.47
C LEU A 70 8.33 7.24 6.25
N ALA A 71 7.55 6.19 6.48
CA ALA A 71 8.09 5.00 7.14
C ALA A 71 9.24 4.37 6.35
N THR A 72 9.11 4.32 5.02
CA THR A 72 10.17 3.75 4.19
C THR A 72 11.39 4.65 4.13
N VAL A 73 11.19 5.94 4.36
CA VAL A 73 12.29 6.89 4.38
C VAL A 73 13.08 6.75 5.67
N VAL A 74 12.35 6.61 6.78
CA VAL A 74 12.95 6.43 8.09
C VAL A 74 13.62 5.05 8.23
N ASP A 75 12.96 4.03 7.70
CA ASP A 75 13.45 2.67 7.82
C ASP A 75 13.21 1.89 6.52
N PRO A 76 14.09 2.07 5.52
CA PRO A 76 13.93 1.41 4.22
C PRO A 76 14.03 -0.11 4.33
N LYS A 77 14.43 -0.62 5.49
CA LYS A 77 14.57 -2.07 5.69
C LYS A 77 13.31 -2.68 6.31
N TYR A 78 12.28 -1.87 6.52
CA TYR A 78 11.05 -2.35 7.15
C TYR A 78 10.07 -2.78 6.09
N SER A 79 9.99 -4.08 5.83
CA SER A 79 9.23 -4.59 4.69
C SER A 79 7.75 -4.23 4.74
N LYS A 80 7.16 -4.21 5.93
CA LYS A 80 5.72 -3.92 6.04
C LYS A 80 5.37 -2.54 5.48
N ALA A 81 6.24 -1.56 5.68
CA ALA A 81 6.00 -0.21 5.18
C ALA A 81 5.93 -0.21 3.66
N TRP A 82 6.79 -1.00 3.02
CA TRP A 82 6.79 -1.07 1.56
C TRP A 82 5.52 -1.73 1.05
N SER A 83 5.04 -2.72 1.78
CA SER A 83 3.80 -3.41 1.41
C SER A 83 2.62 -2.44 1.50
N ARG A 84 2.60 -1.61 2.55
CA ARG A 84 1.57 -0.60 2.72
C ARG A 84 1.62 0.42 1.60
N LEU A 85 2.83 0.84 1.24
CA LEU A 85 3.02 1.82 0.18
C LEU A 85 2.56 1.26 -1.17
N GLY A 86 2.88 -0.01 -1.40
CA GLY A 86 2.47 -0.68 -2.63
C GLY A 86 0.95 -0.67 -2.79
N LEU A 87 0.24 -1.02 -1.72
CA LEU A 87 -1.22 -1.06 -1.79
C LEU A 87 -1.79 0.34 -1.98
N ALA A 88 -1.27 1.31 -1.24
CA ALA A 88 -1.76 2.67 -1.36
C ALA A 88 -1.58 3.20 -2.79
N ARG A 89 -0.42 2.95 -3.37
CA ARG A 89 -0.18 3.41 -4.74
C ARG A 89 -1.06 2.66 -5.73
N PHE A 90 -1.25 1.37 -5.49
CA PHE A 90 -2.11 0.56 -6.33
C PHE A 90 -3.52 1.15 -6.34
N ASP A 91 -4.00 1.54 -5.16
CA ASP A 91 -5.34 2.07 -5.00
C ASP A 91 -5.46 3.50 -5.58
N MET A 92 -4.32 4.12 -5.85
CA MET A 92 -4.32 5.40 -6.55
C MET A 92 -4.09 5.22 -8.06
N ALA A 93 -4.10 3.98 -8.52
CA ALA A 93 -3.82 3.66 -9.92
C ALA A 93 -2.42 4.10 -10.36
N ASP A 94 -1.51 4.21 -9.39
CA ASP A 94 -0.10 4.45 -9.68
C ASP A 94 0.59 3.10 -9.73
N TYR A 95 0.36 2.36 -10.80
CA TYR A 95 0.82 0.98 -10.87
C TYR A 95 2.35 0.86 -11.01
N LYS A 96 2.97 1.80 -11.70
CA LYS A 96 4.43 1.81 -11.77
C LYS A 96 5.04 1.98 -10.37
N GLY A 97 4.49 2.93 -9.61
CA GLY A 97 4.96 3.18 -8.26
C GLY A 97 4.67 2.03 -7.32
N ALA A 98 3.53 1.38 -7.51
CA ALA A 98 3.19 0.21 -6.70
C ALA A 98 4.17 -0.93 -6.97
N LYS A 99 4.50 -1.13 -8.25
CA LYS A 99 5.44 -2.18 -8.62
C LYS A 99 6.79 -1.95 -7.92
N GLU A 100 7.28 -0.72 -7.99
CA GLU A 100 8.54 -0.37 -7.34
C GLU A 100 8.51 -0.60 -5.83
N ALA A 101 7.41 -0.22 -5.19
CA ALA A 101 7.30 -0.39 -3.74
C ALA A 101 7.28 -1.87 -3.37
N TYR A 102 6.52 -2.67 -4.11
CA TYR A 102 6.48 -4.10 -3.80
C TYR A 102 7.84 -4.76 -4.02
N GLU A 103 8.55 -4.36 -5.08
CA GLU A 103 9.86 -4.90 -5.33
C GLU A 103 10.81 -4.58 -4.19
N LYS A 104 10.81 -3.34 -3.73
CA LYS A 104 11.65 -2.96 -2.61
C LYS A 104 11.22 -3.65 -1.31
N GLY A 105 9.93 -3.88 -1.16
CA GLY A 105 9.43 -4.59 0.00
C GLY A 105 9.92 -6.02 0.01
N ILE A 106 9.91 -6.64 -1.16
CA ILE A 106 10.35 -8.03 -1.31
C ILE A 106 11.83 -8.17 -0.97
N GLU A 107 12.64 -7.22 -1.44
CA GLU A 107 14.06 -7.21 -1.09
C GLU A 107 14.28 -7.02 0.41
N ALA A 108 13.55 -6.09 1.00
CA ALA A 108 13.68 -5.81 2.44
C ALA A 108 13.24 -7.01 3.27
N GLU A 109 12.22 -7.72 2.80
CA GLU A 109 11.66 -8.83 3.55
C GLU A 109 12.66 -9.98 3.68
N GLY A 110 13.56 -10.06 2.70
CA GLY A 110 14.70 -10.94 2.76
C GLY A 110 14.42 -12.42 2.51
N ASN A 111 13.18 -12.74 2.17
CA ASN A 111 12.79 -14.13 1.98
C ASN A 111 11.86 -14.33 0.79
N GLY A 112 11.98 -13.47 -0.21
CA GLY A 112 11.17 -13.58 -1.41
C GLY A 112 9.84 -12.85 -1.30
N GLY A 113 9.57 -12.26 -0.13
CA GLY A 113 8.38 -11.48 0.08
C GLY A 113 7.30 -12.20 0.86
N SER A 114 6.48 -11.43 1.55
CA SER A 114 5.29 -11.98 2.20
C SER A 114 4.31 -12.40 1.12
N ASP A 115 3.32 -13.21 1.49
CA ASP A 115 2.29 -13.59 0.53
C ASP A 115 1.67 -12.35 -0.09
N ALA A 116 1.40 -11.34 0.73
CA ALA A 116 0.78 -10.11 0.28
C ALA A 116 1.65 -9.37 -0.73
N MET A 117 2.96 -9.36 -0.48
CA MET A 117 3.87 -8.66 -1.38
C MET A 117 3.99 -9.37 -2.71
N LYS A 118 4.09 -10.70 -2.66
CA LYS A 118 4.23 -11.48 -3.88
C LYS A 118 2.99 -11.36 -4.76
N ARG A 119 1.83 -11.52 -4.15
CA ARG A 119 0.57 -11.37 -4.88
C ARG A 119 0.37 -9.95 -5.34
N GLY A 120 0.76 -8.99 -4.50
CA GLY A 120 0.70 -7.59 -4.86
C GLY A 120 1.52 -7.28 -6.09
N LEU A 121 2.75 -7.80 -6.12
CA LEU A 121 3.63 -7.55 -7.27
C LEU A 121 3.09 -8.24 -8.51
N GLU A 122 2.60 -9.46 -8.36
CA GLU A 122 2.05 -10.21 -9.49
C GLU A 122 0.87 -9.47 -10.09
N THR A 123 -0.05 -9.04 -9.23
CA THR A 123 -1.25 -8.33 -9.67
C THR A 123 -0.93 -6.99 -10.33
N THR A 124 0.02 -6.27 -9.75
CA THR A 124 0.47 -4.99 -10.32
C THR A 124 1.10 -5.20 -11.71
N LYS A 125 1.97 -6.20 -11.83
CA LYS A 125 2.59 -6.46 -13.13
C LYS A 125 1.54 -6.85 -14.16
N ARG A 126 0.53 -7.58 -13.74
CA ARG A 126 -0.49 -8.02 -14.68
C ARG A 126 -1.27 -6.82 -15.18
N LYS A 127 -1.51 -5.86 -14.30
CA LYS A 127 -2.23 -4.64 -14.66
C LYS A 127 -1.42 -3.83 -15.66
N ILE A 128 -0.11 -3.76 -15.44
CA ILE A 128 0.77 -3.04 -16.33
C ILE A 128 0.84 -3.74 -17.69
N GLU A 129 0.89 -5.07 -17.67
CA GLU A 129 0.91 -5.83 -18.93
C GLU A 129 -0.40 -5.69 -19.68
N GLU A 130 -1.52 -5.66 -18.96
CA GLU A 130 -2.83 -5.41 -19.58
C GLU A 130 -2.78 -4.11 -20.38
N ALA A 131 -2.27 -3.06 -19.77
CA ALA A 131 -2.19 -1.76 -20.42
C ALA A 131 -1.26 -1.79 -21.64
N ASN A 132 -0.09 -2.41 -21.46
CA ASN A 132 0.92 -2.48 -22.52
C ASN A 132 0.44 -3.22 -23.74
N ARG A 133 -0.33 -4.28 -23.53
CA ARG A 133 -0.75 -5.14 -24.63
C ARG A 133 -2.08 -4.70 -25.22
N GLY A 134 -2.72 -3.72 -24.57
CA GLY A 134 -3.99 -3.21 -25.02
C GLY A 134 -5.14 -3.75 -24.21
N ALA A 135 -5.88 -2.86 -23.55
CA ALA A 135 -6.97 -3.26 -22.67
C ALA A 135 -8.20 -3.71 -23.44
N GLU A 136 -8.19 -3.44 -24.75
CA GLU A 136 -9.31 -3.75 -25.63
C GLU A 136 -8.82 -4.51 -26.85
N PRO A 137 -9.47 -5.63 -27.21
CA PRO A 137 -9.04 -6.32 -28.43
C PRO A 137 -9.17 -5.40 -29.64
N PRO A 138 -8.30 -5.56 -30.65
CA PRO A 138 -8.49 -4.88 -31.92
C PRO A 138 -9.72 -5.43 -32.62
N ALA A 139 -10.34 -4.63 -33.48
CA ALA A 139 -11.46 -5.09 -34.28
C ALA A 139 -10.99 -5.47 -35.68
N ASP A 140 -11.45 -6.60 -36.19
CA ASP A 140 -11.15 -6.97 -37.57
C ASP A 140 -11.89 -6.03 -38.54
N ASP A 141 -11.28 -5.80 -39.71
CA ASP A 141 -11.86 -4.92 -40.72
C ASP A 141 -13.23 -5.41 -41.19
N VAL A 142 -14.07 -4.49 -41.67
CA VAL A 142 -15.33 -4.88 -42.29
C VAL A 142 -15.02 -5.65 -43.58
N ASP A 143 -15.96 -6.50 -43.99
CA ASP A 143 -15.72 -7.39 -45.12
C ASP A 143 -16.16 -6.75 -46.43
N ASP A 144 -15.23 -6.70 -47.38
CA ASP A 144 -15.54 -6.19 -48.72
C ASP A 144 -15.83 -7.32 -49.71
N ALA A 145 -15.89 -8.55 -49.22
CA ALA A 145 -16.18 -9.69 -50.07
C ALA A 145 -17.64 -9.67 -50.54
N ALA A 146 -17.90 -10.32 -51.67
CA ALA A 146 -19.26 -10.44 -52.19
C ALA A 146 -20.09 -11.35 -51.29
N GLY A 147 -21.36 -11.00 -51.10
CA GLY A 147 -22.24 -11.74 -50.22
C GLY A 147 -22.29 -13.23 -50.50
N ALA A 148 -22.09 -13.61 -51.76
CA ALA A 148 -22.22 -15.02 -52.15
C ALA A 148 -20.89 -15.77 -52.09
N SER A 149 -19.85 -15.12 -51.59
CA SER A 149 -18.51 -15.70 -51.58
C SER A 149 -18.34 -16.83 -50.56
N ARG A 150 -19.28 -16.95 -49.62
CA ARG A 150 -19.21 -17.99 -48.61
C ARG A 150 -19.80 -19.30 -49.11
N GLY A 151 -20.68 -19.22 -50.10
CA GLY A 151 -21.33 -20.38 -50.66
C GLY A 151 -20.33 -21.43 -51.13
#